data_8SBM
#
_entry.id   8SBM
#
_cell.length_a   54.438
_cell.length_b   61.775
_cell.length_c   72.234
_cell.angle_alpha   90.00
_cell.angle_beta   107.54
_cell.angle_gamma   90.00
#
_symmetry.space_group_name_H-M   'C 1 2 1'
#
loop_
_entity.id
_entity.type
_entity.pdbx_description
1 polymer 'GAF domain-containing protein'
2 non-polymer 'ZINC ION'
3 non-polymer 1,2-ETHANEDIOL
4 non-polymer 'SODIUM ION'
5 water water
#
_entity_poly.entity_id   1
_entity_poly.type   'polypeptide(L)'
_entity_poly.pdbx_seq_one_letter_code
;GTRLRQRIDAAVAQFADSGLRTSVQFVGPLSVVDSALADQAEAVVREAVSNAVRHAKASTLTVRVKVDDDLCIEVTDNGR
GLPDEFTGSGLTNLRQRAEQAGGEFTLASVPGASGTVLRWSAPLSQ
;
_entity_poly.pdbx_strand_id   A,B
#
loop_
_chem_comp.id
_chem_comp.type
_chem_comp.name
_chem_comp.formula
EDO non-polymer 1,2-ETHANEDIOL 'C2 H6 O2'
NA non-polymer 'SODIUM ION' 'Na 1'
ZN non-polymer 'ZINC ION' 'Zn 2'
#
# COMPACT_ATOMS: atom_id res chain seq x y z
N GLY A 1 9.70 -10.64 1.33
CA GLY A 1 8.28 -10.91 1.33
C GLY A 1 7.42 -9.68 1.46
N THR A 2 6.11 -9.85 1.31
CA THR A 2 5.19 -8.72 1.35
C THR A 2 4.76 -8.32 2.75
N ARG A 3 5.00 -9.17 3.76
CA ARG A 3 4.49 -8.92 5.11
CA ARG A 3 4.49 -8.93 5.12
C ARG A 3 2.98 -8.72 5.10
N LEU A 4 2.29 -9.44 4.19
CA LEU A 4 0.85 -9.25 4.03
C LEU A 4 0.10 -9.43 5.33
N ARG A 5 0.40 -10.51 6.06
CA ARG A 5 -0.33 -10.78 7.30
C ARG A 5 -0.14 -9.66 8.31
N GLN A 6 1.09 -9.22 8.50
CA GLN A 6 1.36 -8.13 9.43
C GLN A 6 0.65 -6.84 9.00
N ARG A 7 0.58 -6.60 7.69
CA ARG A 7 -0.05 -5.38 7.20
C ARG A 7 -1.56 -5.42 7.38
N ILE A 8 -2.18 -6.59 7.24
CA ILE A 8 -3.61 -6.68 7.51
C ILE A 8 -3.89 -6.44 8.99
N ASP A 9 -3.09 -7.05 9.88
CA ASP A 9 -3.22 -6.81 11.31
C ASP A 9 -3.06 -5.32 11.63
N ALA A 10 -2.05 -4.67 11.05
CA ALA A 10 -1.83 -3.25 11.31
C ALA A 10 -2.99 -2.41 10.81
N ALA A 11 -3.55 -2.76 9.65
CA ALA A 11 -4.69 -1.99 9.12
C ALA A 11 -5.89 -2.07 10.05
N VAL A 12 -6.19 -3.27 10.56
CA VAL A 12 -7.28 -3.40 11.53
C VAL A 12 -6.96 -2.65 12.81
N ALA A 13 -5.73 -2.78 13.31
CA ALA A 13 -5.37 -2.12 14.56
C ALA A 13 -5.48 -0.60 14.44
N GLN A 14 -5.07 -0.05 13.29
CA GLN A 14 -5.04 1.40 13.13
C GLN A 14 -6.43 1.98 12.89
N PHE A 15 -7.31 1.24 12.20
CA PHE A 15 -8.54 1.83 11.70
C PHE A 15 -9.81 1.30 12.32
N ALA A 16 -9.74 0.27 13.16
CA ALA A 16 -10.95 -0.25 13.79
C ALA A 16 -11.35 0.63 14.97
N ASP A 17 -12.59 1.09 14.97
CA ASP A 17 -13.10 1.85 16.10
C ASP A 17 -13.03 1.01 17.36
N SER A 18 -12.56 1.63 18.44
CA SER A 18 -12.33 0.90 19.69
C SER A 18 -13.62 0.36 20.30
N GLY A 19 -14.78 0.82 19.85
CA GLY A 19 -16.04 0.28 20.33
C GLY A 19 -16.51 -0.97 19.62
N LEU A 20 -15.75 -1.44 18.64
CA LEU A 20 -16.13 -2.62 17.86
C LEU A 20 -15.24 -3.79 18.27
N ARG A 21 -15.86 -4.95 18.48
CA ARG A 21 -15.08 -6.17 18.59
C ARG A 21 -14.60 -6.57 17.21
N THR A 22 -13.37 -7.04 17.11
CA THR A 22 -12.81 -7.44 15.83
C THR A 22 -12.32 -8.87 15.89
N SER A 23 -12.33 -9.51 14.72
CA SER A 23 -11.79 -10.85 14.52
C SER A 23 -11.08 -10.83 13.17
N VAL A 24 -9.83 -11.27 13.15
CA VAL A 24 -9.04 -11.28 11.92
C VAL A 24 -8.57 -12.71 11.67
N GLN A 25 -8.92 -13.25 10.50
CA GLN A 25 -8.63 -14.64 10.17
C GLN A 25 -7.92 -14.72 8.83
N PHE A 26 -6.89 -15.56 8.76
CA PHE A 26 -6.14 -15.80 7.54
C PHE A 26 -6.22 -17.28 7.19
N VAL A 27 -6.38 -17.56 5.91
CA VAL A 27 -6.49 -18.93 5.41
C VAL A 27 -5.68 -19.02 4.13
N GLY A 28 -4.81 -20.03 4.05
CA GLY A 28 -4.12 -20.33 2.81
C GLY A 28 -2.74 -19.71 2.73
N PRO A 29 -2.06 -19.94 1.62
CA PRO A 29 -0.66 -19.49 1.47
C PRO A 29 -0.52 -18.01 1.11
N LEU A 30 -0.58 -17.18 2.16
CA LEU A 30 -0.46 -15.73 1.98
C LEU A 30 0.84 -15.36 1.28
N SER A 31 1.89 -16.16 1.49
CA SER A 31 3.21 -15.87 0.93
C SER A 31 3.23 -15.93 -0.59
N VAL A 32 2.22 -16.53 -1.22
CA VAL A 32 2.20 -16.63 -2.68
C VAL A 32 1.69 -15.36 -3.34
N VAL A 33 1.07 -14.46 -2.57
CA VAL A 33 0.49 -13.23 -3.12
C VAL A 33 1.62 -12.27 -3.49
N ASP A 34 1.51 -11.66 -4.67
CA ASP A 34 2.57 -10.78 -5.12
C ASP A 34 2.41 -9.37 -4.53
N SER A 35 3.42 -8.52 -4.77
CA SER A 35 3.46 -7.21 -4.12
C SER A 35 2.25 -6.37 -4.50
N ALA A 36 1.88 -6.34 -5.78
CA ALA A 36 0.77 -5.50 -6.20
C ALA A 36 -0.53 -5.94 -5.55
N LEU A 37 -0.78 -7.25 -5.51
CA LEU A 37 -2.01 -7.75 -4.92
C LEU A 37 -2.02 -7.58 -3.41
N ALA A 38 -0.85 -7.71 -2.75
CA ALA A 38 -0.79 -7.44 -1.32
C ALA A 38 -1.12 -5.97 -1.03
N ASP A 39 -0.64 -5.06 -1.88
CA ASP A 39 -0.97 -3.65 -1.71
C ASP A 39 -2.47 -3.42 -1.83
N GLN A 40 -3.12 -4.08 -2.79
CA GLN A 40 -4.57 -3.96 -2.92
C GLN A 40 -5.27 -4.49 -1.69
N ALA A 41 -4.85 -5.66 -1.19
CA ALA A 41 -5.50 -6.25 -0.03
C ALA A 41 -5.41 -5.33 1.17
N GLU A 42 -4.23 -4.77 1.42
CA GLU A 42 -4.07 -3.84 2.54
C GLU A 42 -4.99 -2.63 2.38
N ALA A 43 -5.06 -2.07 1.16
CA ALA A 43 -5.89 -0.89 0.94
C ALA A 43 -7.37 -1.22 1.09
N VAL A 44 -7.78 -2.41 0.65
CA VAL A 44 -9.17 -2.83 0.80
C VAL A 44 -9.53 -2.93 2.27
N VAL A 45 -8.68 -3.57 3.07
CA VAL A 45 -8.98 -3.71 4.49
C VAL A 45 -8.99 -2.35 5.18
N ARG A 46 -8.00 -1.50 4.89
CA ARG A 46 -7.98 -0.15 5.45
C ARG A 46 -9.28 0.58 5.16
N GLU A 47 -9.72 0.55 3.91
CA GLU A 47 -10.91 1.28 3.52
C GLU A 47 -12.16 0.71 4.20
N ALA A 48 -12.31 -0.62 4.15
CA ALA A 48 -13.49 -1.25 4.73
C ALA A 48 -13.57 -1.00 6.23
N VAL A 49 -12.45 -1.18 6.93
CA VAL A 49 -12.49 -1.05 8.38
C VAL A 49 -12.71 0.40 8.79
N SER A 50 -12.10 1.35 8.07
CA SER A 50 -12.23 2.75 8.45
C SER A 50 -13.66 3.25 8.27
N ASN A 51 -14.45 2.59 7.43
CA ASN A 51 -15.83 2.99 7.20
C ASN A 51 -16.80 2.35 8.19
N ALA A 52 -16.34 1.42 9.02
CA ALA A 52 -17.21 0.78 10.00
C ALA A 52 -17.35 1.65 11.23
N VAL A 53 -18.59 1.95 11.62
CA VAL A 53 -18.87 2.85 12.74
C VAL A 53 -19.59 2.10 13.84
N ARG A 54 -19.87 2.79 14.95
CA ARG A 54 -20.60 2.19 16.05
C ARG A 54 -22.08 2.12 15.74
N HIS A 55 -22.71 1.01 16.08
CA HIS A 55 -24.14 0.82 15.96
C HIS A 55 -24.81 1.03 17.31
N ALA A 56 -26.15 1.01 17.30
CA ALA A 56 -26.89 1.17 18.55
C ALA A 56 -26.55 0.07 19.55
N LYS A 57 -26.36 -1.15 19.07
CA LYS A 57 -25.95 -2.27 19.89
C LYS A 57 -24.47 -2.55 19.67
N ALA A 58 -23.90 -3.36 20.56
CA ALA A 58 -22.54 -3.82 20.37
C ALA A 58 -22.46 -4.69 19.12
N SER A 59 -21.40 -4.50 18.34
CA SER A 59 -21.26 -5.18 17.05
C SER A 59 -19.87 -5.77 16.91
N THR A 60 -19.74 -6.67 15.95
CA THR A 60 -18.49 -7.35 15.63
C THR A 60 -18.14 -7.11 14.17
N LEU A 61 -16.86 -6.84 13.91
CA LEU A 61 -16.33 -6.66 12.57
C LEU A 61 -15.30 -7.76 12.33
N THR A 62 -15.56 -8.61 11.34
CA THR A 62 -14.70 -9.75 11.05
C THR A 62 -14.00 -9.52 9.71
N VAL A 63 -12.70 -9.75 9.69
CA VAL A 63 -11.90 -9.61 8.48
C VAL A 63 -11.29 -10.97 8.19
N ARG A 64 -11.61 -11.53 7.02
CA ARG A 64 -11.10 -12.82 6.62
CA ARG A 64 -11.10 -12.83 6.61
C ARG A 64 -10.35 -12.66 5.30
N VAL A 65 -9.09 -13.07 5.27
CA VAL A 65 -8.27 -13.01 4.07
C VAL A 65 -7.93 -14.45 3.71
N LYS A 66 -8.32 -14.86 2.50
CA LYS A 66 -8.18 -16.24 2.08
C LYS A 66 -7.46 -16.30 0.74
N VAL A 67 -6.51 -17.22 0.63
CA VAL A 67 -5.84 -17.50 -0.63
C VAL A 67 -6.21 -18.93 -1.00
N ASP A 68 -7.02 -19.07 -2.05
CA ASP A 68 -7.43 -20.38 -2.54
C ASP A 68 -7.21 -20.44 -4.05
N ASP A 69 -8.29 -20.51 -4.83
CA ASP A 69 -8.15 -20.34 -6.26
C ASP A 69 -7.74 -18.91 -6.61
N ASP A 70 -8.07 -17.96 -5.75
CA ASP A 70 -7.76 -16.54 -5.95
C ASP A 70 -7.35 -15.95 -4.61
N LEU A 71 -7.26 -14.63 -4.56
CA LEU A 71 -7.19 -13.90 -3.29
C LEU A 71 -8.56 -13.31 -3.01
N CYS A 72 -9.12 -13.59 -1.85
N CYS A 72 -9.11 -13.61 -1.85
CA CYS A 72 -10.41 -13.03 -1.52
CA CYS A 72 -10.40 -13.10 -1.44
C CYS A 72 -10.45 -12.53 -0.07
C CYS A 72 -10.31 -12.45 -0.08
N ILE A 73 -11.03 -11.35 0.09
CA ILE A 73 -11.14 -10.65 1.36
C ILE A 73 -12.62 -10.50 1.67
N GLU A 74 -13.02 -10.91 2.85
CA GLU A 74 -14.41 -10.81 3.28
C GLU A 74 -14.44 -10.04 4.59
N VAL A 75 -15.11 -8.91 4.59
CA VAL A 75 -15.30 -8.11 5.80
C VAL A 75 -16.77 -8.18 6.17
N THR A 76 -17.07 -8.75 7.32
CA THR A 76 -18.43 -8.92 7.79
C THR A 76 -18.68 -8.02 8.99
N ASP A 77 -19.82 -7.35 8.98
CA ASP A 77 -20.20 -6.40 10.02
C ASP A 77 -21.61 -6.80 10.45
N ASN A 78 -21.76 -7.30 11.68
CA ASN A 78 -23.07 -7.75 12.14
C ASN A 78 -23.94 -6.61 12.66
N GLY A 79 -23.47 -5.37 12.59
CA GLY A 79 -24.28 -4.25 13.03
C GLY A 79 -25.45 -4.00 12.10
N ARG A 80 -26.51 -3.41 12.67
CA ARG A 80 -27.75 -3.21 11.94
C ARG A 80 -28.14 -1.73 12.00
N GLY A 81 -29.09 -1.36 11.14
CA GLY A 81 -29.75 -0.08 11.23
C GLY A 81 -29.04 1.10 10.57
N LEU A 82 -27.95 0.86 9.84
CA LEU A 82 -27.16 1.93 9.23
C LEU A 82 -27.05 1.68 7.73
N PRO A 83 -28.11 1.95 6.97
CA PRO A 83 -28.07 1.68 5.53
C PRO A 83 -27.09 2.57 4.77
N ASP A 84 -26.67 3.70 5.34
CA ASP A 84 -25.67 4.54 4.69
C ASP A 84 -24.25 4.11 4.99
N GLU A 85 -24.04 3.20 5.95
CA GLU A 85 -22.71 2.67 6.22
C GLU A 85 -22.18 1.97 4.97
N PHE A 86 -20.92 2.24 4.63
CA PHE A 86 -20.16 1.64 3.53
C PHE A 86 -20.54 2.15 2.14
N THR A 87 -21.42 3.15 2.04
N THR A 87 -21.38 3.17 2.04
CA THR A 87 -21.90 3.66 0.75
CA THR A 87 -21.73 3.75 0.74
C THR A 87 -21.21 4.95 0.34
C THR A 87 -20.85 4.96 0.45
N GLY A 88 -20.08 5.29 0.97
N GLY A 88 -20.67 5.25 -0.83
CA GLY A 88 -19.38 6.51 0.69
CA GLY A 88 -20.05 6.49 -1.24
C GLY A 88 -18.38 6.37 -0.44
C GLY A 88 -18.61 6.41 -1.70
N SER A 89 -17.45 7.33 -0.51
N SER A 89 -17.73 7.15 -1.02
CA SER A 89 -16.42 7.31 -1.53
CA SER A 89 -16.37 7.34 -1.50
C SER A 89 -15.52 6.08 -1.42
C SER A 89 -15.55 6.05 -1.42
N GLY A 90 -15.49 5.44 -0.25
CA GLY A 90 -14.71 4.22 -0.11
C GLY A 90 -15.22 3.11 -1.00
N LEU A 91 -16.52 3.10 -1.26
CA LEU A 91 -17.08 2.10 -2.17
C LEU A 91 -16.54 2.30 -3.59
N THR A 92 -16.49 3.54 -4.05
CA THR A 92 -15.86 3.82 -5.33
C THR A 92 -14.42 3.34 -5.35
N ASN A 93 -13.68 3.60 -4.26
CA ASN A 93 -12.30 3.14 -4.15
C ASN A 93 -12.22 1.63 -4.29
N LEU A 94 -13.05 0.91 -3.53
CA LEU A 94 -13.02 -0.55 -3.58
C LEU A 94 -13.34 -1.08 -4.97
N ARG A 95 -14.35 -0.49 -5.63
N ARG A 95 -14.31 -0.48 -5.65
CA ARG A 95 -14.68 -0.91 -6.98
CA ARG A 95 -14.67 -0.94 -6.98
C ARG A 95 -13.56 -0.61 -7.95
C ARG A 95 -13.62 -0.55 -8.02
N GLN A 96 -12.92 0.56 -7.80
CA GLN A 96 -11.83 0.94 -8.70
C GLN A 96 -10.67 -0.04 -8.59
N ARG A 97 -10.34 -0.46 -7.36
CA ARG A 97 -9.25 -1.40 -7.16
C ARG A 97 -9.58 -2.78 -7.72
N ALA A 98 -10.85 -3.20 -7.60
CA ALA A 98 -11.26 -4.46 -8.20
C ALA A 98 -11.05 -4.44 -9.71
N GLU A 99 -11.41 -3.33 -10.37
CA GLU A 99 -11.17 -3.22 -11.80
C GLU A 99 -9.68 -3.14 -12.10
N GLN A 100 -8.91 -2.44 -11.25
CA GLN A 100 -7.46 -2.38 -11.45
C GLN A 100 -6.83 -3.76 -11.41
N ALA A 101 -7.30 -4.62 -10.51
CA ALA A 101 -6.75 -5.94 -10.29
C ALA A 101 -7.39 -7.02 -11.16
N GLY A 102 -8.31 -6.65 -12.05
CA GLY A 102 -9.02 -7.66 -12.82
C GLY A 102 -9.89 -8.57 -11.97
N GLY A 103 -10.38 -8.07 -10.84
CA GLY A 103 -11.13 -8.88 -9.92
C GLY A 103 -12.57 -8.43 -9.79
N GLU A 104 -13.19 -8.70 -8.64
CA GLU A 104 -14.60 -8.40 -8.44
C GLU A 104 -14.85 -7.94 -7.02
N PHE A 105 -15.96 -7.24 -6.82
CA PHE A 105 -16.31 -6.71 -5.53
C PHE A 105 -17.82 -6.80 -5.34
N THR A 106 -18.23 -7.18 -4.13
CA THR A 106 -19.63 -7.30 -3.77
CA THR A 106 -19.64 -7.27 -3.79
C THR A 106 -19.86 -6.60 -2.44
N LEU A 107 -20.92 -5.82 -2.35
CA LEU A 107 -21.44 -5.30 -1.09
CA LEU A 107 -21.43 -5.33 -1.08
C LEU A 107 -22.81 -5.92 -0.91
N ALA A 108 -22.99 -6.68 0.17
CA ALA A 108 -24.25 -7.39 0.38
C ALA A 108 -24.75 -7.16 1.80
N SER A 109 -26.05 -6.98 1.94
CA SER A 109 -26.63 -6.73 3.24
C SER A 109 -27.91 -7.54 3.41
N GLY A 115 -25.95 -9.01 8.79
CA GLY A 115 -25.49 -7.64 8.72
C GLY A 115 -25.10 -7.19 7.33
N THR A 116 -23.85 -6.76 7.19
CA THR A 116 -23.29 -6.32 5.91
C THR A 116 -22.00 -7.08 5.65
N VAL A 117 -21.84 -7.54 4.41
CA VAL A 117 -20.64 -8.25 4.00
C VAL A 117 -20.04 -7.54 2.80
N LEU A 118 -18.75 -7.23 2.88
CA LEU A 118 -17.97 -6.73 1.76
CA LEU A 118 -17.97 -6.73 1.76
C LEU A 118 -17.03 -7.83 1.31
N ARG A 119 -17.05 -8.15 0.03
CA ARG A 119 -16.20 -9.20 -0.50
C ARG A 119 -15.44 -8.64 -1.69
N TRP A 120 -14.12 -8.75 -1.65
CA TRP A 120 -13.25 -8.27 -2.71
C TRP A 120 -12.35 -9.42 -3.11
N SER A 121 -12.27 -9.73 -4.40
CA SER A 121 -11.44 -10.83 -4.84
C SER A 121 -10.69 -10.44 -6.09
N ALA A 122 -9.56 -11.11 -6.32
CA ALA A 122 -8.78 -10.86 -7.51
C ALA A 122 -8.02 -12.14 -7.86
N PRO A 123 -7.76 -12.38 -9.14
CA PRO A 123 -7.01 -13.59 -9.51
C PRO A 123 -5.55 -13.47 -9.12
N LEU A 124 -4.96 -14.62 -8.78
CA LEU A 124 -3.52 -14.70 -8.62
C LEU A 124 -2.88 -14.89 -9.98
N SER A 125 -1.72 -14.26 -10.18
CA SER A 125 -1.01 -14.40 -11.45
C SER A 125 -0.48 -15.82 -11.58
N GLN A 126 -0.76 -16.44 -12.73
CA GLN A 126 -0.17 -17.75 -13.04
C GLN A 126 0.98 -17.57 -14.03
N GLY B 1 -3.10 13.10 12.16
CA GLY B 1 -1.82 13.08 11.48
C GLY B 1 -1.59 11.80 10.71
N THR B 2 -0.75 11.88 9.68
CA THR B 2 -0.48 10.74 8.82
C THR B 2 0.67 9.87 9.34
N ARG B 3 1.42 10.34 10.33
CA ARG B 3 2.61 9.61 10.81
C ARG B 3 3.60 9.33 9.68
N LEU B 4 3.72 10.28 8.75
CA LEU B 4 4.45 10.02 7.51
C LEU B 4 5.92 9.68 7.79
N ARG B 5 6.59 10.50 8.61
CA ARG B 5 8.00 10.23 8.91
C ARG B 5 8.18 8.84 9.50
N GLN B 6 7.39 8.52 10.53
CA GLN B 6 7.46 7.20 11.17
C GLN B 6 7.21 6.10 10.15
N ARG B 7 6.23 6.28 9.27
CA ARG B 7 5.88 5.22 8.32
C ARG B 7 6.93 5.05 7.24
N ILE B 8 7.58 6.12 6.80
CA ILE B 8 8.65 5.98 5.81
C ILE B 8 9.85 5.28 6.43
N ASP B 9 10.25 5.71 7.63
CA ASP B 9 11.32 5.01 8.34
C ASP B 9 10.97 3.53 8.53
N ALA B 10 9.72 3.23 8.88
CA ALA B 10 9.31 1.84 9.07
C ALA B 10 9.36 1.05 7.76
N ALA B 11 8.95 1.68 6.65
CA ALA B 11 8.99 0.99 5.37
C ALA B 11 10.42 0.59 5.02
N VAL B 12 11.38 1.49 5.24
CA VAL B 12 12.76 1.14 4.98
C VAL B 12 13.23 0.05 5.93
N ALA B 13 12.88 0.17 7.21
CA ALA B 13 13.34 -0.80 8.21
C ALA B 13 12.78 -2.19 7.91
N GLN B 14 11.54 -2.26 7.42
CA GLN B 14 10.88 -3.55 7.27
C GLN B 14 11.16 -4.20 5.93
N PHE B 15 11.56 -3.42 4.92
CA PHE B 15 11.66 -3.96 3.58
C PHE B 15 13.04 -3.88 2.94
N ALA B 16 13.95 -3.07 3.48
CA ALA B 16 15.29 -3.00 2.91
C ALA B 16 16.17 -4.13 3.45
N ASP B 17 17.04 -4.64 2.57
CA ASP B 17 17.99 -5.68 2.95
C ASP B 17 18.91 -5.16 4.06
N SER B 18 19.02 -5.95 5.13
CA SER B 18 19.85 -5.55 6.26
C SER B 18 21.32 -5.50 5.90
N GLY B 19 21.72 -6.11 4.80
CA GLY B 19 23.08 -6.04 4.33
C GLY B 19 23.45 -4.80 3.57
N LEU B 20 22.52 -3.85 3.43
CA LEU B 20 22.77 -2.58 2.76
C LEU B 20 22.83 -1.46 3.79
N ARG B 21 23.79 -0.54 3.63
CA ARG B 21 23.74 0.71 4.37
C ARG B 21 22.58 1.54 3.84
N THR B 22 21.80 2.12 4.74
CA THR B 22 20.66 2.95 4.33
C THR B 22 20.72 4.31 5.01
N SER B 23 20.14 5.29 4.33
CA SER B 23 19.99 6.63 4.87
C SER B 23 18.61 7.10 4.48
N VAL B 24 17.80 7.50 5.47
CA VAL B 24 16.46 8.00 5.22
C VAL B 24 16.42 9.46 5.65
N GLN B 25 16.11 10.35 4.70
CA GLN B 25 16.16 11.78 4.93
C GLN B 25 14.83 12.41 4.54
N PHE B 26 14.45 13.46 5.26
CA PHE B 26 13.20 14.17 5.02
C PHE B 26 13.49 15.65 4.85
N VAL B 27 12.79 16.27 3.90
CA VAL B 27 12.93 17.69 3.60
C VAL B 27 11.54 18.29 3.47
N GLY B 28 11.31 19.41 4.13
CA GLY B 28 10.09 20.15 3.93
C GLY B 28 8.97 19.76 4.87
N PRO B 29 7.84 20.44 4.73
CA PRO B 29 6.75 20.27 5.69
C PRO B 29 5.89 19.03 5.44
N LEU B 30 6.29 17.89 5.99
CA LEU B 30 5.55 16.65 5.76
C LEU B 30 4.11 16.72 6.26
N SER B 31 3.80 17.67 7.15
CA SER B 31 2.44 17.78 7.69
CA SER B 31 2.44 17.78 7.69
C SER B 31 1.41 18.13 6.62
N VAL B 32 1.84 18.62 5.45
CA VAL B 32 0.87 19.00 4.42
C VAL B 32 0.42 17.84 3.56
N VAL B 33 1.09 16.69 3.64
CA VAL B 33 0.72 15.53 2.83
C VAL B 33 -0.57 14.95 3.37
N ASP B 34 -1.58 14.83 2.51
CA ASP B 34 -2.84 14.28 2.98
C ASP B 34 -2.78 12.76 3.08
N SER B 35 -3.84 12.17 3.63
N SER B 35 -3.84 12.18 3.64
CA SER B 35 -3.82 10.75 3.98
CA SER B 35 -3.84 10.76 3.97
C SER B 35 -3.63 9.87 2.74
C SER B 35 -3.62 9.88 2.74
N ALA B 36 -4.31 10.20 1.64
CA ALA B 36 -4.18 9.38 0.44
C ALA B 36 -2.77 9.44 -0.12
N LEU B 37 -2.19 10.64 -0.16
CA LEU B 37 -0.84 10.77 -0.68
C LEU B 37 0.19 10.11 0.24
N ALA B 38 -0.04 10.16 1.56
CA ALA B 38 0.85 9.48 2.49
C ALA B 38 0.81 7.97 2.27
N ASP B 39 -0.39 7.42 2.04
CA ASP B 39 -0.51 6.00 1.69
C ASP B 39 0.32 5.67 0.45
N GLN B 40 0.27 6.55 -0.56
N GLN B 40 0.26 6.54 -0.57
CA GLN B 40 1.04 6.31 -1.78
CA GLN B 40 1.04 6.32 -1.78
C GLN B 40 2.54 6.39 -1.50
C GLN B 40 2.53 6.36 -1.47
N ALA B 41 2.97 7.38 -0.72
CA ALA B 41 4.39 7.51 -0.40
C ALA B 41 4.91 6.28 0.32
N GLU B 42 4.17 5.81 1.31
CA GLU B 42 4.57 4.61 2.02
C GLU B 42 4.69 3.40 1.08
N ALA B 43 3.72 3.23 0.19
CA ALA B 43 3.76 2.10 -0.73
C ALA B 43 4.93 2.21 -1.71
N VAL B 44 5.22 3.43 -2.15
CA VAL B 44 6.34 3.64 -3.08
C VAL B 44 7.67 3.25 -2.41
N VAL B 45 7.88 3.72 -1.17
CA VAL B 45 9.12 3.43 -0.49
C VAL B 45 9.25 1.92 -0.23
N ARG B 46 8.18 1.29 0.25
CA ARG B 46 8.22 -0.15 0.51
C ARG B 46 8.64 -0.91 -0.75
N GLU B 47 8.02 -0.61 -1.88
N GLU B 47 8.00 -0.61 -1.87
CA GLU B 47 8.31 -1.38 -3.08
CA GLU B 47 8.28 -1.34 -3.10
C GLU B 47 9.70 -1.09 -3.62
C GLU B 47 9.71 -1.08 -3.56
N ALA B 48 10.09 0.19 -3.64
CA ALA B 48 11.41 0.55 -4.16
C ALA B 48 12.52 -0.12 -3.37
N VAL B 49 12.49 -0.01 -2.04
CA VAL B 49 13.57 -0.57 -1.25
C VAL B 49 13.54 -2.09 -1.25
N SER B 50 12.35 -2.70 -1.38
CA SER B 50 12.28 -4.17 -1.41
C SER B 50 12.99 -4.74 -2.63
N ASN B 51 13.23 -3.94 -3.66
CA ASN B 51 13.89 -4.42 -4.87
C ASN B 51 15.40 -4.25 -4.84
N ALA B 52 15.94 -3.51 -3.90
CA ALA B 52 17.38 -3.29 -3.84
C ALA B 52 18.08 -4.51 -3.23
N VAL B 53 19.18 -4.94 -3.86
CA VAL B 53 19.92 -6.11 -3.41
C VAL B 53 21.37 -5.72 -3.09
N ARG B 54 22.09 -6.67 -2.50
CA ARG B 54 23.52 -6.47 -2.26
C ARG B 54 24.27 -6.56 -3.58
N HIS B 55 25.29 -5.71 -3.72
CA HIS B 55 26.17 -5.76 -4.86
C HIS B 55 27.48 -6.44 -4.47
N ALA B 56 28.31 -6.71 -5.48
CA ALA B 56 29.59 -7.36 -5.22
C ALA B 56 30.44 -6.54 -4.26
N LYS B 57 30.33 -5.21 -4.33
CA LYS B 57 31.00 -4.31 -3.41
C LYS B 57 29.96 -3.63 -2.52
N ALA B 58 30.44 -3.10 -1.39
CA ALA B 58 29.57 -2.40 -0.46
C ALA B 58 28.89 -1.23 -1.15
N SER B 59 27.63 -1.01 -0.81
CA SER B 59 26.84 0.04 -1.45
C SER B 59 25.89 0.66 -0.44
N THR B 60 25.31 1.80 -0.81
CA THR B 60 24.43 2.55 0.07
C THR B 60 23.14 2.85 -0.68
N LEU B 61 22.02 2.73 0.03
CA LEU B 61 20.72 3.07 -0.49
C LEU B 61 20.23 4.30 0.27
N THR B 62 20.01 5.40 -0.45
CA THR B 62 19.53 6.64 0.16
C THR B 62 18.09 6.84 -0.24
N VAL B 63 17.24 7.13 0.74
CA VAL B 63 15.83 7.41 0.53
C VAL B 63 15.58 8.83 1.01
N ARG B 64 15.15 9.71 0.11
N ARG B 64 15.18 9.71 0.10
CA ARG B 64 14.87 11.10 0.44
CA ARG B 64 14.86 11.09 0.44
C ARG B 64 13.42 11.40 0.07
C ARG B 64 13.40 11.34 0.09
N VAL B 65 12.63 11.82 1.06
CA VAL B 65 11.24 12.19 0.88
C VAL B 65 11.15 13.69 1.11
N LYS B 66 10.65 14.42 0.10
CA LYS B 66 10.66 15.87 0.12
C LYS B 66 9.28 16.43 -0.18
N VAL B 67 8.88 17.45 0.58
CA VAL B 67 7.74 18.28 0.24
C VAL B 67 8.30 19.61 -0.23
N ASP B 68 8.19 19.87 -1.53
CA ASP B 68 8.68 21.10 -2.13
C ASP B 68 7.55 21.68 -2.98
N ASP B 69 7.75 21.79 -4.29
CA ASP B 69 6.63 22.11 -5.17
C ASP B 69 5.68 20.94 -5.34
N ASP B 70 6.09 19.74 -4.94
CA ASP B 70 5.26 18.55 -4.98
C ASP B 70 5.65 17.66 -3.80
N LEU B 71 5.15 16.44 -3.79
CA LEU B 71 5.73 15.38 -2.97
C LEU B 71 6.62 14.54 -3.88
N CYS B 72 7.89 14.42 -3.53
CA CYS B 72 8.77 13.58 -4.33
C CYS B 72 9.57 12.65 -3.42
N ILE B 73 9.84 11.47 -3.95
CA ILE B 73 10.56 10.42 -3.26
C ILE B 73 11.71 10.02 -4.18
N GLU B 74 12.93 10.14 -3.68
CA GLU B 74 14.12 9.85 -4.46
C GLU B 74 14.87 8.72 -3.77
N VAL B 75 15.03 7.61 -4.46
CA VAL B 75 15.78 6.47 -3.95
C VAL B 75 17.04 6.33 -4.79
N THR B 76 18.19 6.49 -4.15
CA THR B 76 19.47 6.47 -4.85
C THR B 76 20.23 5.21 -4.45
N ASP B 77 20.68 4.47 -5.44
CA ASP B 77 21.44 3.22 -5.25
C ASP B 77 22.79 3.41 -5.92
N ASN B 78 23.86 3.47 -5.13
CA ASN B 78 25.18 3.67 -5.71
C ASN B 78 25.89 2.36 -6.07
N GLY B 79 25.20 1.22 -5.97
CA GLY B 79 25.77 -0.03 -6.41
C GLY B 79 25.87 -0.11 -7.93
N ARG B 80 26.88 -0.85 -8.40
CA ARG B 80 27.05 -1.03 -9.83
C ARG B 80 25.79 -1.61 -10.45
N GLY B 81 25.41 -1.07 -11.61
CA GLY B 81 24.13 -1.41 -12.21
C GLY B 81 23.91 -2.88 -12.46
N LEU B 82 22.75 -3.39 -12.03
CA LEU B 82 22.35 -4.76 -12.29
C LEU B 82 21.13 -4.71 -13.19
N PRO B 83 21.16 -5.37 -14.35
CA PRO B 83 20.10 -5.16 -15.35
C PRO B 83 18.71 -5.54 -14.87
N ASP B 84 18.60 -6.40 -13.86
CA ASP B 84 17.30 -6.92 -13.43
C ASP B 84 16.93 -6.49 -12.01
N GLU B 85 17.57 -5.45 -11.48
CA GLU B 85 17.36 -5.06 -10.09
C GLU B 85 16.05 -4.29 -9.91
N PHE B 86 15.79 -3.29 -10.75
CA PHE B 86 14.64 -2.41 -10.58
C PHE B 86 13.69 -2.44 -11.77
N THR B 87 13.69 -3.52 -12.56
CA THR B 87 12.94 -3.57 -13.81
C THR B 87 11.81 -4.58 -13.81
N GLY B 88 11.44 -5.14 -12.68
CA GLY B 88 10.41 -6.16 -12.63
C GLY B 88 9.02 -5.61 -12.46
N SER B 89 8.17 -6.37 -11.79
N SER B 89 8.17 -6.38 -11.78
CA SER B 89 6.83 -5.89 -11.48
CA SER B 89 6.83 -5.90 -11.46
C SER B 89 6.86 -4.63 -10.63
C SER B 89 6.87 -4.62 -10.65
N GLY B 90 7.96 -4.38 -9.92
CA GLY B 90 8.07 -3.16 -9.14
C GLY B 90 8.06 -1.91 -9.99
N LEU B 91 8.72 -1.96 -11.14
CA LEU B 91 8.68 -0.83 -12.07
C LEU B 91 7.25 -0.58 -12.53
N THR B 92 6.54 -1.64 -12.91
CA THR B 92 5.15 -1.49 -13.32
C THR B 92 4.32 -0.92 -12.19
N ASN B 93 4.50 -1.45 -10.98
CA ASN B 93 3.68 -1.02 -9.85
C ASN B 93 3.92 0.45 -9.53
N LEU B 94 5.18 0.88 -9.53
CA LEU B 94 5.49 2.28 -9.21
C LEU B 94 5.00 3.22 -10.30
N ARG B 95 5.10 2.81 -11.57
CA ARG B 95 4.55 3.62 -12.65
C ARG B 95 3.04 3.74 -12.54
N GLN B 96 2.34 2.65 -12.25
CA GLN B 96 0.89 2.71 -12.12
C GLN B 96 0.46 3.56 -10.93
N ARG B 97 1.22 3.54 -9.83
CA ARG B 97 0.92 4.41 -8.70
C ARG B 97 1.11 5.87 -9.08
N ALA B 98 2.20 6.18 -9.77
CA ALA B 98 2.42 7.55 -10.22
C ALA B 98 1.25 8.02 -11.08
N GLU B 99 0.81 7.15 -12.00
CA GLU B 99 -0.33 7.47 -12.85
C GLU B 99 -1.57 7.76 -12.00
N GLN B 100 -1.86 6.87 -11.04
CA GLN B 100 -3.03 7.04 -10.18
C GLN B 100 -2.98 8.36 -9.43
N ALA B 101 -1.80 8.76 -8.97
CA ALA B 101 -1.65 9.97 -8.17
C ALA B 101 -1.49 11.23 -9.02
N GLY B 102 -1.59 11.13 -10.34
CA GLY B 102 -1.38 12.28 -11.19
C GLY B 102 0.06 12.71 -11.32
N GLY B 103 0.99 11.82 -11.01
CA GLY B 103 2.40 12.16 -11.05
C GLY B 103 3.19 11.34 -12.03
N GLU B 104 4.47 11.13 -11.73
CA GLU B 104 5.40 10.51 -12.66
C GLU B 104 6.36 9.64 -11.88
N PHE B 105 6.78 8.54 -12.49
CA PHE B 105 7.86 7.71 -11.96
C PHE B 105 8.98 7.63 -12.98
N THR B 106 10.21 7.83 -12.53
CA THR B 106 11.37 7.85 -13.40
CA THR B 106 11.36 7.83 -13.41
C THR B 106 12.43 6.89 -12.86
N LEU B 107 12.98 6.07 -13.74
CA LEU B 107 14.10 5.19 -13.43
CA LEU B 107 14.10 5.20 -13.44
C LEU B 107 15.29 5.75 -14.21
N ALA B 108 16.29 6.26 -13.50
CA ALA B 108 17.39 6.97 -14.13
C ALA B 108 18.73 6.32 -13.85
N SER B 109 19.66 6.48 -14.78
CA SER B 109 21.06 6.22 -14.50
C SER B 109 21.72 7.51 -13.99
N VAL B 110 22.91 7.37 -13.43
CA VAL B 110 23.56 8.54 -12.85
C VAL B 110 24.66 9.03 -13.79
N PRO B 111 24.94 10.37 -13.79
CA PRO B 111 25.95 10.92 -14.70
C PRO B 111 27.22 10.11 -14.80
N GLY B 112 27.50 9.61 -15.99
CA GLY B 112 28.73 8.89 -16.25
C GLY B 112 28.98 7.74 -15.30
N ALA B 113 27.92 7.06 -14.85
CA ALA B 113 28.08 5.91 -13.97
C ALA B 113 26.85 5.02 -14.10
N SER B 114 26.86 3.90 -13.37
CA SER B 114 25.84 2.87 -13.50
C SER B 114 24.93 2.77 -12.28
N GLY B 115 25.10 3.63 -11.28
CA GLY B 115 24.13 3.71 -10.20
C GLY B 115 22.75 4.04 -10.73
N THR B 116 21.78 4.03 -9.83
CA THR B 116 20.38 4.20 -10.21
C THR B 116 19.72 5.20 -9.30
N VAL B 117 18.91 6.08 -9.87
CA VAL B 117 18.03 6.96 -9.10
C VAL B 117 16.61 6.65 -9.51
N LEU B 118 15.78 6.31 -8.53
CA LEU B 118 14.34 6.16 -8.73
CA LEU B 118 14.34 6.15 -8.71
C LEU B 118 13.67 7.40 -8.18
N ARG B 119 12.84 8.04 -9.00
CA ARG B 119 12.15 9.26 -8.58
C ARG B 119 10.66 9.12 -8.81
N TRP B 120 9.90 9.22 -7.74
CA TRP B 120 8.44 9.18 -7.80
C TRP B 120 7.94 10.52 -7.29
N SER B 121 7.11 11.19 -8.08
CA SER B 121 6.61 12.50 -7.67
C SER B 121 5.13 12.60 -7.99
N ALA B 122 4.41 13.37 -7.17
CA ALA B 122 2.98 13.56 -7.36
C ALA B 122 2.60 14.93 -6.82
N PRO B 123 1.57 15.56 -7.38
CA PRO B 123 1.15 16.86 -6.87
C PRO B 123 0.55 16.74 -5.48
N LEU B 124 0.74 17.81 -4.69
CA LEU B 124 0.19 17.83 -3.35
C LEU B 124 -1.32 18.00 -3.34
N SER B 125 -1.90 18.50 -4.43
CA SER B 125 -3.34 18.67 -4.53
C SER B 125 -3.74 18.54 -5.99
N GLN B 126 -4.96 18.07 -6.20
CA GLN B 126 -5.52 18.00 -7.55
C GLN B 126 -6.94 18.54 -7.57
ZN ZN C . -21.08 -1.18 11.03
C1 EDO D . 10.22 -8.02 4.05
O1 EDO D . 11.02 -8.48 2.96
C2 EDO D . 10.06 -9.16 5.05
O2 EDO D . 9.42 -10.27 4.40
C1 EDO E . -5.49 -6.06 15.28
O1 EDO E . -5.05 -5.91 16.62
C2 EDO E . -5.69 -7.55 15.00
O2 EDO E . -6.52 -8.12 16.03
C1 EDO F . -29.22 -10.51 5.87
O1 EDO F . -28.17 -10.26 4.92
C2 EDO F . -29.88 -9.18 6.25
O2 EDO F . -28.90 -8.32 6.84
C1 EDO G . 6.31 -4.24 -0.66
O1 EDO G . 5.64 -3.72 -1.83
C2 EDO G . 7.08 -5.50 -1.01
O2 EDO G . 6.15 -6.52 -1.39
ZN ZN H . -10.98 -16.99 -2.84
C1 EDO I . -8.34 4.50 4.55
O1 EDO I . -8.61 4.23 3.17
C2 EDO I . -6.87 4.26 4.84
O2 EDO I . -6.07 5.25 4.17
ZN ZN J . 21.27 -2.10 -5.86
C1 EDO K . 3.90 15.39 -10.58
O1 EDO K . 4.90 14.57 -11.14
C2 EDO K . 4.54 16.37 -9.60
O2 EDO K . 5.59 17.05 -10.28
C1 EDO L . 11.01 -0.77 -8.58
O1 EDO L . 11.83 -1.87 -8.98
C2 EDO L . 11.54 0.50 -9.23
O2 EDO L . 11.56 0.36 -10.65
C1 EDO M . 18.97 -0.56 -13.58
O1 EDO M . 19.78 -1.32 -14.47
C2 EDO M . 17.66 -1.29 -13.33
O2 EDO M . 17.91 -2.49 -12.58
ZN ZN N . 9.61 17.62 -5.17
NA NA O . 24.10 4.68 -13.88
#